data_9E74
#
_entry.id   9E74
#
_cell.length_a   1.00
_cell.length_b   1.00
_cell.length_c   1.00
_cell.angle_alpha   90.00
_cell.angle_beta   90.00
_cell.angle_gamma   90.00
#
_symmetry.space_group_name_H-M   'P 1'
#
_entity_poly.entity_id   1
_entity_poly.type   'polyribonucleotide'
_entity_poly.pdbx_seq_one_letter_code
;GGUCCGUCCGGGUCCGUGGUUGCGUCGUUCAGGCGCCCGGUCUCCGGGUGCGCGAGCGACUAGCCGAUGCCAGUCGCAGG
CAAAGCGGUCCACGUAACCCCGGCAACGGGGGAUCACGGUGCGGCUUAGACGUAAGUCCUGCCUCGUGGCCAUCGUCAGA
UACGACGGCGUACGGGAGAAGGCCGGUAGUGGCAGAGAAGCUGCGGAAGCCUCAGCAGGCGAUUGUGGGGUCGAAGACCA
GGUCGGCCGGACGGA
;
_entity_poly.pdbx_strand_id   A
#